data_1SV0
#
_entry.id   1SV0
#
_cell.length_a   67.651
_cell.length_b   70.327
_cell.length_c   88.031
_cell.angle_alpha   90.00
_cell.angle_beta   90.00
_cell.angle_gamma   90.00
#
_symmetry.space_group_name_H-M   'P 21 21 21'
#
loop_
_entity.id
_entity.type
_entity.pdbx_description
1 polymer 'Ets DNA-binding protein pokkuri'
2 polymer 'modulator of the activity of Ets CG15085-PA'
3 water water
#
loop_
_entity_poly.entity_id
_entity_poly.type
_entity_poly.pdbx_seq_one_letter_code
_entity_poly.pdbx_strand_id
1 'polypeptide(L)'
;QLPPSLPSDPRLWSREDVLVFLRFCVREFDLPKLDFDLFQMNGKRLCLLTRADFGHRCPGAGDVLHNVLQMLIIESHSRH
HHHHH
;
A,B
2 'polypeptide(L)'
;PLGSDGLPLDPRDWTRADVWKWLINMAVSEGLEVTAELPQKFPMNGKALCLMSLDMYLCRVPVGGKMLYRDFRVRLARAM
SR
;
C,D
#
# COMPACT_ATOMS: atom_id res chain seq x y z
N LEU A 2 -5.51 4.85 -14.16
CA LEU A 2 -6.30 6.11 -14.24
C LEU A 2 -5.47 7.23 -14.89
N PRO A 3 -5.98 8.47 -14.91
CA PRO A 3 -5.23 9.57 -15.53
C PRO A 3 -3.75 9.53 -15.24
N PRO A 4 -2.91 9.62 -16.29
CA PRO A 4 -1.45 9.60 -16.19
C PRO A 4 -0.89 10.88 -15.55
N SER A 5 -1.72 11.91 -15.49
CA SER A 5 -1.34 13.19 -14.92
C SER A 5 -1.15 13.08 -13.41
N LEU A 6 -1.93 12.20 -12.78
CA LEU A 6 -1.85 12.01 -11.33
C LEU A 6 -0.57 11.29 -10.91
N PRO A 7 0.12 11.81 -9.88
CA PRO A 7 1.35 11.15 -9.44
C PRO A 7 1.03 9.76 -8.90
N SER A 8 1.98 8.84 -9.03
CA SER A 8 1.81 7.46 -8.59
C SER A 8 1.46 7.30 -7.12
N ASP A 9 2.11 8.06 -6.25
CA ASP A 9 1.85 7.98 -4.82
C ASP A 9 0.74 8.96 -4.44
N PRO A 10 -0.46 8.45 -4.16
CA PRO A 10 -1.62 9.27 -3.77
C PRO A 10 -1.33 10.26 -2.64
N ARG A 11 -0.42 9.86 -1.74
CA ARG A 11 -0.07 10.71 -0.61
C ARG A 11 0.52 12.04 -1.06
N LEU A 12 0.89 12.13 -2.34
CA LEU A 12 1.47 13.36 -2.87
C LEU A 12 0.47 14.16 -3.71
N TRP A 13 -0.77 13.68 -3.79
CA TRP A 13 -1.79 14.37 -4.57
C TRP A 13 -2.17 15.74 -4.05
N SER A 14 -2.42 16.66 -4.97
CA SER A 14 -2.87 18.00 -4.63
C SER A 14 -4.37 17.88 -4.39
N ARG A 15 -5.03 18.96 -4.00
CA ARG A 15 -6.48 18.90 -3.79
C ARG A 15 -7.18 18.59 -5.11
N GLU A 16 -6.73 19.21 -6.19
CA GLU A 16 -7.35 18.97 -7.47
C GLU A 16 -7.08 17.56 -7.97
N ASP A 17 -5.94 16.98 -7.61
CA ASP A 17 -5.62 15.61 -8.01
C ASP A 17 -6.64 14.71 -7.32
N VAL A 18 -6.91 15.01 -6.06
CA VAL A 18 -7.87 14.24 -5.26
C VAL A 18 -9.25 14.28 -5.91
N LEU A 19 -9.66 15.42 -6.43
CA LEU A 19 -10.98 15.52 -7.05
C LEU A 19 -11.04 14.73 -8.35
N VAL A 20 -9.97 14.77 -9.13
CA VAL A 20 -9.90 14.04 -10.40
C VAL A 20 -10.08 12.56 -10.10
N PHE A 21 -9.35 12.07 -9.11
CA PHE A 21 -9.43 10.67 -8.69
C PHE A 21 -10.86 10.29 -8.34
N LEU A 22 -11.51 11.10 -7.51
CA LEU A 22 -12.88 10.80 -7.11
C LEU A 22 -13.85 10.82 -8.29
N ARG A 23 -13.74 11.82 -9.17
CA ARG A 23 -14.63 11.90 -10.34
C ARG A 23 -14.43 10.69 -11.23
N PHE A 24 -13.18 10.31 -11.41
CA PHE A 24 -12.82 9.14 -12.21
C PHE A 24 -13.45 7.89 -11.56
N CYS A 25 -13.39 7.81 -10.23
CA CYS A 25 -13.97 6.67 -9.51
C CYS A 25 -15.49 6.60 -9.64
N VAL A 26 -16.15 7.75 -9.54
CA VAL A 26 -17.60 7.80 -9.65
C VAL A 26 -18.02 7.25 -11.01
N ARG A 27 -17.30 7.61 -12.07
CA ARG A 27 -17.59 7.11 -13.41
C ARG A 27 -17.21 5.64 -13.54
N GLU A 28 -15.97 5.30 -13.20
CA GLU A 28 -15.50 3.93 -13.32
C GLU A 28 -16.30 2.88 -12.58
N PHE A 29 -16.83 3.25 -11.42
CA PHE A 29 -17.60 2.32 -10.62
C PHE A 29 -19.10 2.57 -10.66
N ASP A 30 -19.52 3.56 -11.45
CA ASP A 30 -20.94 3.89 -11.60
C ASP A 30 -21.56 4.19 -10.22
N LEU A 31 -20.88 5.05 -9.46
CA LEU A 31 -21.35 5.44 -8.14
C LEU A 31 -22.36 6.58 -8.20
N PRO A 32 -23.17 6.76 -7.15
CA PRO A 32 -24.14 7.86 -7.21
C PRO A 32 -23.40 9.17 -7.01
N LYS A 33 -24.05 10.28 -7.34
CA LYS A 33 -23.44 11.60 -7.21
C LYS A 33 -22.71 11.71 -5.88
N LEU A 34 -21.45 12.13 -5.94
CA LEU A 34 -20.64 12.28 -4.73
C LEU A 34 -20.71 13.74 -4.25
N ASP A 35 -20.68 13.96 -2.94
CA ASP A 35 -20.72 15.33 -2.42
C ASP A 35 -19.26 15.77 -2.26
N PHE A 36 -18.73 16.42 -3.29
CA PHE A 36 -17.34 16.84 -3.27
C PHE A 36 -16.95 17.83 -2.17
N ASP A 37 -17.93 18.47 -1.55
CA ASP A 37 -17.65 19.41 -0.46
C ASP A 37 -17.00 18.63 0.68
N LEU A 38 -17.29 17.34 0.75
CA LEU A 38 -16.75 16.48 1.80
C LEU A 38 -15.32 15.99 1.50
N PHE A 39 -14.83 16.26 0.30
CA PHE A 39 -13.50 15.82 -0.08
C PHE A 39 -12.54 16.93 -0.51
N GLN A 40 -12.68 18.11 0.08
CA GLN A 40 -11.78 19.21 -0.26
C GLN A 40 -10.53 19.07 0.60
N MET A 41 -9.62 18.21 0.16
CA MET A 41 -8.38 17.96 0.90
C MET A 41 -7.31 17.41 -0.04
N ASN A 42 -6.05 17.50 0.38
CA ASN A 42 -4.96 16.99 -0.44
C ASN A 42 -4.81 15.48 -0.28
N GLY A 43 -3.91 14.89 -1.05
CA GLY A 43 -3.69 13.46 -0.99
C GLY A 43 -3.27 12.95 0.38
N LYS A 44 -2.43 13.71 1.06
CA LYS A 44 -1.94 13.33 2.38
C LYS A 44 -3.10 13.00 3.32
N ARG A 45 -4.08 13.90 3.38
CA ARG A 45 -5.22 13.70 4.27
C ARG A 45 -6.20 12.65 3.73
N LEU A 46 -6.41 12.64 2.42
CA LEU A 46 -7.33 11.65 1.84
C LEU A 46 -6.86 10.26 2.27
N CYS A 47 -5.56 10.04 2.17
CA CYS A 47 -4.99 8.75 2.51
C CYS A 47 -5.03 8.40 4.00
N LEU A 48 -5.40 9.36 4.84
CA LEU A 48 -5.48 9.12 6.28
C LEU A 48 -6.91 8.80 6.71
N LEU A 49 -7.86 8.99 5.81
CA LEU A 49 -9.25 8.69 6.15
C LEU A 49 -9.42 7.21 6.42
N THR A 50 -10.10 6.88 7.51
CA THR A 50 -10.35 5.50 7.89
C THR A 50 -11.47 4.99 7.01
N ARG A 51 -11.68 3.68 7.01
CA ARG A 51 -12.74 3.11 6.20
C ARG A 51 -14.08 3.70 6.62
N ALA A 52 -14.26 3.92 7.92
CA ALA A 52 -15.49 4.50 8.44
C ALA A 52 -15.65 5.94 7.98
N ASP A 53 -14.53 6.66 7.87
CA ASP A 53 -14.56 8.05 7.41
C ASP A 53 -15.14 8.07 5.99
N PHE A 54 -14.60 7.21 5.13
CA PHE A 54 -15.07 7.14 3.76
C PHE A 54 -16.53 6.75 3.74
N GLY A 55 -16.88 5.80 4.61
CA GLY A 55 -18.25 5.32 4.69
C GLY A 55 -19.22 6.45 4.93
N HIS A 56 -18.85 7.37 5.82
CA HIS A 56 -19.71 8.50 6.13
C HIS A 56 -19.84 9.47 4.96
N ARG A 57 -18.74 9.70 4.25
CA ARG A 57 -18.73 10.61 3.09
C ARG A 57 -19.31 10.01 1.81
N CYS A 58 -19.35 8.69 1.73
CA CYS A 58 -19.88 8.01 0.56
C CYS A 58 -20.59 6.74 1.03
N PRO A 59 -21.82 6.89 1.54
CA PRO A 59 -22.58 5.74 2.01
C PRO A 59 -22.89 4.79 0.87
N GLY A 60 -22.64 3.50 1.09
CA GLY A 60 -22.89 2.53 0.05
C GLY A 60 -21.66 2.09 -0.71
N ALA A 61 -20.66 2.96 -0.84
CA ALA A 61 -19.45 2.60 -1.57
C ALA A 61 -18.14 3.14 -0.98
N GLY A 62 -18.22 3.77 0.19
CA GLY A 62 -17.04 4.32 0.82
C GLY A 62 -15.94 3.30 1.05
N ASP A 63 -16.32 2.08 1.43
CA ASP A 63 -15.31 1.05 1.68
C ASP A 63 -14.58 0.65 0.42
N VAL A 64 -15.29 0.61 -0.70
CA VAL A 64 -14.66 0.28 -1.98
C VAL A 64 -13.62 1.35 -2.31
N LEU A 65 -14.04 2.62 -2.26
CA LEU A 65 -13.13 3.73 -2.56
C LEU A 65 -11.90 3.69 -1.68
N HIS A 66 -12.11 3.46 -0.39
CA HIS A 66 -11.01 3.38 0.56
C HIS A 66 -10.04 2.28 0.14
N ASN A 67 -10.56 1.10 -0.14
CA ASN A 67 -9.69 0.00 -0.53
C ASN A 67 -8.93 0.29 -1.80
N VAL A 68 -9.58 0.92 -2.77
CA VAL A 68 -8.90 1.24 -4.01
C VAL A 68 -7.74 2.18 -3.71
N LEU A 69 -8.01 3.21 -2.91
CA LEU A 69 -6.97 4.17 -2.56
C LEU A 69 -5.81 3.47 -1.86
N GLN A 70 -6.11 2.66 -0.85
CA GLN A 70 -5.08 1.93 -0.11
C GLN A 70 -4.25 1.10 -1.11
N MET A 71 -4.93 0.48 -2.06
CA MET A 71 -4.23 -0.34 -3.05
C MET A 71 -3.29 0.48 -3.93
N LEU A 72 -3.71 1.69 -4.28
CA LEU A 72 -2.87 2.57 -5.10
C LEU A 72 -1.59 2.92 -4.35
N ILE A 73 -1.70 3.05 -3.04
CA ILE A 73 -0.53 3.37 -2.21
C ILE A 73 0.42 2.16 -2.22
N ILE A 74 -0.12 1.00 -1.89
CA ILE A 74 0.67 -0.24 -1.89
C ILE A 74 1.41 -0.28 -3.21
N GLU A 75 0.66 -0.08 -4.28
CA GLU A 75 1.18 -0.09 -5.65
C GLU A 75 2.29 0.91 -5.93
N SER A 76 2.15 2.13 -5.42
CA SER A 76 3.16 3.15 -5.66
C SER A 76 4.54 2.63 -5.26
N HIS A 77 4.56 1.61 -4.39
CA HIS A 77 5.79 0.99 -3.94
C HIS A 77 6.09 -0.30 -4.70
N SER A 78 5.17 -1.26 -4.61
CA SER A 78 5.33 -2.55 -5.28
C SER A 78 5.66 -2.41 -6.76
N GLN B 1 6.48 -7.62 4.57
CA GLN B 1 7.57 -7.84 5.57
C GLN B 1 7.01 -7.80 7.01
N LEU B 2 5.80 -8.29 7.21
CA LEU B 2 5.22 -8.30 8.55
C LEU B 2 5.68 -9.59 9.21
N PRO B 3 6.30 -9.50 10.40
CA PRO B 3 6.72 -10.76 11.01
C PRO B 3 5.52 -11.69 11.19
N PRO B 4 5.68 -12.98 10.88
CA PRO B 4 4.66 -14.02 10.96
C PRO B 4 3.82 -14.09 12.24
N SER B 5 4.46 -13.94 13.39
CA SER B 5 3.76 -14.03 14.67
C SER B 5 3.24 -12.73 15.29
N LEU B 6 3.22 -11.65 14.52
CA LEU B 6 2.74 -10.39 15.05
C LEU B 6 1.37 -10.05 14.51
N PRO B 7 0.54 -9.38 15.32
CA PRO B 7 -0.79 -9.00 14.83
C PRO B 7 -0.58 -8.15 13.56
N SER B 8 -1.49 -8.26 12.60
CA SER B 8 -1.39 -7.52 11.36
C SER B 8 -1.56 -6.00 11.51
N ASP B 9 -2.19 -5.56 12.60
CA ASP B 9 -2.34 -4.13 12.81
C ASP B 9 -1.35 -3.68 13.87
N PRO B 10 -0.27 -3.02 13.44
CA PRO B 10 0.80 -2.52 14.31
C PRO B 10 0.29 -1.67 15.48
N ARG B 11 -0.80 -0.96 15.26
CA ARG B 11 -1.37 -0.11 16.31
C ARG B 11 -1.85 -0.93 17.50
N LEU B 12 -2.03 -2.23 17.28
CA LEU B 12 -2.48 -3.12 18.34
C LEU B 12 -1.33 -3.93 18.96
N TRP B 13 -0.10 -3.66 18.51
CA TRP B 13 1.06 -4.37 19.05
C TRP B 13 1.30 -4.03 20.51
N SER B 14 1.69 -5.04 21.27
CA SER B 14 2.00 -4.84 22.68
C SER B 14 3.44 -4.36 22.72
N ARG B 15 3.94 -4.04 23.91
CA ARG B 15 5.31 -3.60 24.10
C ARG B 15 6.28 -4.67 23.60
N GLU B 16 5.95 -5.92 23.86
CA GLU B 16 6.80 -7.03 23.43
C GLU B 16 6.74 -7.20 21.91
N ASP B 17 5.57 -6.96 21.32
CA ASP B 17 5.42 -7.08 19.87
C ASP B 17 6.36 -6.07 19.21
N VAL B 18 6.39 -4.86 19.76
CA VAL B 18 7.25 -3.81 19.23
C VAL B 18 8.71 -4.28 19.20
N LEU B 19 9.16 -4.91 20.29
CA LEU B 19 10.53 -5.41 20.35
C LEU B 19 10.77 -6.51 19.31
N VAL B 20 9.75 -7.33 19.06
CA VAL B 20 9.85 -8.40 18.08
C VAL B 20 10.05 -7.78 16.70
N PHE B 21 9.26 -6.74 16.41
CA PHE B 21 9.35 -6.07 15.14
C PHE B 21 10.76 -5.48 14.94
N LEU B 22 11.27 -4.79 15.95
CA LEU B 22 12.59 -4.20 15.84
C LEU B 22 13.70 -5.24 15.65
N ARG B 23 13.62 -6.38 16.33
CA ARG B 23 14.64 -7.42 16.16
C ARG B 23 14.58 -7.94 14.73
N PHE B 24 13.35 -8.07 14.22
CA PHE B 24 13.13 -8.51 12.85
C PHE B 24 13.84 -7.54 11.91
N CYS B 25 13.63 -6.24 12.13
CA CYS B 25 14.24 -5.22 11.28
C CYS B 25 15.77 -5.22 11.37
N VAL B 26 16.30 -5.33 12.58
CA VAL B 26 17.73 -5.35 12.76
C VAL B 26 18.35 -6.48 11.97
N ARG B 27 17.68 -7.63 11.95
CA ARG B 27 18.20 -8.78 11.22
C ARG B 27 17.95 -8.66 9.73
N GLU B 28 16.73 -8.25 9.36
CA GLU B 28 16.37 -8.09 7.97
C GLU B 28 17.19 -7.06 7.21
N PHE B 29 17.55 -5.98 7.88
CA PHE B 29 18.29 -4.91 7.22
C PHE B 29 19.76 -4.85 7.63
N ASP B 30 20.22 -5.88 8.35
CA ASP B 30 21.60 -5.95 8.79
C ASP B 30 22.03 -4.64 9.42
N LEU B 31 21.22 -4.16 10.37
CA LEU B 31 21.51 -2.90 11.06
C LEU B 31 22.43 -3.19 12.24
N PRO B 32 23.28 -2.22 12.60
CA PRO B 32 24.17 -2.48 13.73
C PRO B 32 23.31 -2.62 14.98
N LYS B 33 23.92 -3.05 16.08
CA LYS B 33 23.20 -3.22 17.33
C LYS B 33 22.33 -2.01 17.62
N LEU B 34 21.04 -2.26 17.82
CA LEU B 34 20.08 -1.20 18.09
C LEU B 34 19.91 -1.08 19.61
N ASP B 35 19.67 0.13 20.09
CA ASP B 35 19.48 0.35 21.51
C ASP B 35 17.98 0.28 21.82
N PHE B 36 17.54 -0.87 22.32
CA PHE B 36 16.13 -1.09 22.62
C PHE B 36 15.55 -0.30 23.80
N ASP B 37 16.41 0.31 24.60
CA ASP B 37 15.93 1.11 25.73
C ASP B 37 15.13 2.31 25.22
N LEU B 38 15.34 2.65 23.96
CA LEU B 38 14.64 3.78 23.35
C LEU B 38 13.31 3.39 22.72
N PHE B 39 12.95 2.12 22.80
CA PHE B 39 11.68 1.69 22.21
C PHE B 39 10.80 0.89 23.15
N GLN B 40 10.75 1.31 24.41
CA GLN B 40 9.92 0.64 25.42
C GLN B 40 8.56 1.32 25.31
N MET B 41 7.74 0.85 24.38
CA MET B 41 6.42 1.43 24.15
C MET B 41 5.57 0.43 23.37
N ASN B 42 4.26 0.65 23.31
CA ASN B 42 3.39 -0.24 22.56
C ASN B 42 3.24 0.24 21.13
N GLY B 43 2.47 -0.52 20.35
CA GLY B 43 2.25 -0.17 18.95
C GLY B 43 1.57 1.15 18.73
N LYS B 44 0.68 1.53 19.65
CA LYS B 44 -0.05 2.80 19.54
C LYS B 44 0.94 3.95 19.47
N ARG B 45 1.93 3.95 20.36
CA ARG B 45 2.92 5.01 20.39
C ARG B 45 3.94 4.89 19.25
N LEU B 46 4.35 3.67 18.93
CA LEU B 46 5.33 3.44 17.87
C LEU B 46 4.82 4.00 16.54
N CYS B 47 3.56 3.73 16.22
CA CYS B 47 2.94 4.19 14.98
C CYS B 47 2.65 5.69 14.93
N LEU B 48 2.85 6.38 16.05
CA LEU B 48 2.61 7.82 16.11
C LEU B 48 3.94 8.54 15.88
N LEU B 49 5.04 7.80 15.97
CA LEU B 49 6.36 8.39 15.79
C LEU B 49 6.60 8.93 14.38
N THR B 50 7.22 10.10 14.32
CA THR B 50 7.55 10.74 13.05
C THR B 50 8.91 10.22 12.60
N ARG B 51 9.31 10.57 11.38
CA ARG B 51 10.61 10.13 10.90
C ARG B 51 11.68 10.71 11.82
N ALA B 52 11.50 11.97 12.20
CA ALA B 52 12.46 12.63 13.09
C ALA B 52 12.59 11.82 14.38
N ASP B 53 11.45 11.46 14.97
CA ASP B 53 11.43 10.65 16.19
C ASP B 53 12.29 9.40 16.01
N PHE B 54 12.03 8.65 14.95
CA PHE B 54 12.81 7.45 14.68
C PHE B 54 14.25 7.86 14.46
N GLY B 55 14.43 8.96 13.74
CA GLY B 55 15.77 9.46 13.45
C GLY B 55 16.58 9.70 14.71
N HIS B 56 15.98 10.39 15.68
CA HIS B 56 16.69 10.67 16.93
C HIS B 56 17.00 9.37 17.67
N ARG B 57 16.05 8.44 17.63
CA ARG B 57 16.20 7.14 18.28
C ARG B 57 17.18 6.24 17.52
N CYS B 58 17.14 6.30 16.19
CA CYS B 58 18.03 5.48 15.35
C CYS B 58 18.75 6.37 14.34
N PRO B 59 20.05 6.62 14.57
CA PRO B 59 20.94 7.44 13.76
C PRO B 59 20.84 7.32 12.24
N GLY B 60 21.39 6.23 11.70
CA GLY B 60 21.38 6.08 10.25
C GLY B 60 20.29 5.27 9.60
N ALA B 61 19.26 4.88 10.34
CA ALA B 61 18.23 4.09 9.69
C ALA B 61 16.81 4.28 10.21
N GLY B 62 16.61 5.31 11.03
CA GLY B 62 15.29 5.57 11.56
C GLY B 62 14.32 5.88 10.44
N ASP B 63 14.77 6.59 9.41
CA ASP B 63 13.86 6.91 8.32
C ASP B 63 13.43 5.65 7.58
N VAL B 64 14.28 4.63 7.52
CA VAL B 64 13.87 3.40 6.86
C VAL B 64 12.83 2.68 7.72
N LEU B 65 13.16 2.48 9.00
CA LEU B 65 12.26 1.81 9.92
C LEU B 65 10.87 2.46 9.88
N HIS B 66 10.85 3.79 9.90
CA HIS B 66 9.59 4.51 9.86
C HIS B 66 8.75 4.19 8.62
N ASN B 67 9.36 4.30 7.44
CA ASN B 67 8.64 4.01 6.21
C ASN B 67 8.15 2.57 6.18
N VAL B 68 8.98 1.67 6.68
CA VAL B 68 8.62 0.26 6.75
C VAL B 68 7.35 0.12 7.60
N LEU B 69 7.41 0.64 8.82
CA LEU B 69 6.25 0.58 9.72
C LEU B 69 5.02 1.21 9.08
N GLN B 70 5.18 2.39 8.50
CA GLN B 70 4.04 3.08 7.89
C GLN B 70 3.43 2.27 6.74
N MET B 71 4.27 1.54 6.02
CA MET B 71 3.79 0.72 4.91
C MET B 71 2.99 -0.46 5.49
N LEU B 72 3.39 -0.92 6.68
CA LEU B 72 2.69 -2.02 7.33
C LEU B 72 1.29 -1.59 7.78
N ILE B 73 1.17 -0.38 8.29
CA ILE B 73 -0.14 0.12 8.71
C ILE B 73 -1.04 0.14 7.48
N ILE B 74 -0.51 0.68 6.37
CA ILE B 74 -1.26 0.76 5.12
C ILE B 74 -1.72 -0.62 4.69
N GLU B 75 -0.83 -1.60 4.82
CA GLU B 75 -1.14 -2.97 4.44
C GLU B 75 -2.20 -3.63 5.30
N SER B 76 -2.31 -3.21 6.57
CA SER B 76 -3.32 -3.81 7.44
C SER B 76 -4.71 -3.32 7.04
N HIS B 77 -4.76 -2.22 6.30
CA HIS B 77 -6.02 -1.64 5.84
C HIS B 77 -6.58 -2.48 4.70
N SER B 78 -5.71 -3.03 3.87
CA SER B 78 -6.14 -3.88 2.78
C SER B 78 -6.53 -5.19 3.45
N ARG B 79 -6.67 -5.10 4.77
CA ARG B 79 -7.04 -6.21 5.64
C ARG B 79 -5.96 -7.29 5.71
N PRO C 1 -23.25 -9.00 -25.33
CA PRO C 1 -23.51 -10.45 -25.12
C PRO C 1 -24.16 -10.65 -23.76
N LEU C 2 -25.45 -10.97 -23.77
CA LEU C 2 -26.22 -11.19 -22.55
C LEU C 2 -26.51 -12.66 -22.30
N GLY C 3 -26.76 -13.00 -21.03
CA GLY C 3 -27.07 -14.37 -20.68
C GLY C 3 -28.57 -14.56 -20.73
N SER C 4 -29.03 -15.76 -20.37
CA SER C 4 -30.46 -16.05 -20.37
C SER C 4 -31.22 -14.94 -19.64
N ASP C 5 -30.69 -14.53 -18.50
CA ASP C 5 -31.31 -13.52 -17.63
C ASP C 5 -31.34 -12.03 -17.96
N GLY C 6 -30.82 -11.62 -19.12
CA GLY C 6 -30.84 -10.20 -19.43
C GLY C 6 -29.56 -9.55 -18.96
N LEU C 7 -28.75 -10.31 -18.22
CA LEU C 7 -27.49 -9.81 -17.70
C LEU C 7 -26.31 -10.20 -18.58
N PRO C 8 -25.38 -9.26 -18.81
CA PRO C 8 -24.21 -9.56 -19.63
C PRO C 8 -23.44 -10.74 -19.03
N LEU C 9 -22.99 -11.64 -19.90
CA LEU C 9 -22.25 -12.82 -19.48
C LEU C 9 -21.01 -12.48 -18.68
N ASP C 10 -20.33 -11.39 -19.02
CA ASP C 10 -19.13 -10.97 -18.29
C ASP C 10 -19.53 -9.94 -17.22
N PRO C 11 -19.48 -10.33 -15.93
CA PRO C 11 -19.82 -9.48 -14.79
C PRO C 11 -19.06 -8.15 -14.77
N ARG C 12 -17.89 -8.12 -15.42
CA ARG C 12 -17.08 -6.91 -15.48
C ARG C 12 -17.72 -5.87 -16.39
N ASP C 13 -18.68 -6.29 -17.20
CA ASP C 13 -19.36 -5.35 -18.08
C ASP C 13 -20.64 -4.83 -17.44
N TRP C 14 -20.93 -5.30 -16.23
CA TRP C 14 -22.16 -4.89 -15.54
C TRP C 14 -22.19 -3.42 -15.10
N THR C 15 -23.28 -2.73 -15.40
CA THR C 15 -23.43 -1.35 -14.95
C THR C 15 -24.09 -1.48 -13.57
N ARG C 16 -24.43 -0.36 -12.96
CA ARG C 16 -25.08 -0.42 -11.65
C ARG C 16 -26.45 -1.05 -11.86
N ALA C 17 -27.11 -0.68 -12.95
CA ALA C 17 -28.43 -1.21 -13.28
C ALA C 17 -28.40 -2.75 -13.34
N ASP C 18 -27.38 -3.31 -13.98
CA ASP C 18 -27.24 -4.76 -14.07
C ASP C 18 -27.04 -5.35 -12.67
N VAL C 19 -26.17 -4.73 -11.88
CA VAL C 19 -25.93 -5.20 -10.52
C VAL C 19 -27.26 -5.32 -9.74
N TRP C 20 -28.09 -4.28 -9.84
CA TRP C 20 -29.38 -4.26 -9.16
C TRP C 20 -30.32 -5.37 -9.63
N LYS C 21 -30.37 -5.58 -10.94
CA LYS C 21 -31.21 -6.63 -11.50
C LYS C 21 -30.72 -8.00 -11.00
N TRP C 22 -29.40 -8.17 -10.95
CA TRP C 22 -28.81 -9.42 -10.45
C TRP C 22 -29.17 -9.63 -8.98
N LEU C 23 -29.18 -8.54 -8.20
CA LEU C 23 -29.50 -8.65 -6.79
C LEU C 23 -30.96 -9.07 -6.60
N ILE C 24 -31.85 -8.46 -7.40
CA ILE C 24 -33.27 -8.79 -7.34
C ILE C 24 -33.47 -10.27 -7.70
N ASN C 25 -32.79 -10.73 -8.76
CA ASN C 25 -32.88 -12.14 -9.17
C ASN C 25 -32.37 -13.07 -8.07
N MET C 26 -31.28 -12.68 -7.41
CA MET C 26 -30.72 -13.49 -6.34
C MET C 26 -31.69 -13.58 -5.17
N ALA C 27 -32.35 -12.46 -4.86
CA ALA C 27 -33.32 -12.45 -3.76
C ALA C 27 -34.47 -13.44 -4.07
N VAL C 28 -34.96 -13.38 -5.31
CA VAL C 28 -36.05 -14.25 -5.73
C VAL C 28 -35.60 -15.73 -5.71
N SER C 29 -34.42 -15.98 -6.24
CA SER C 29 -33.86 -17.33 -6.29
C SER C 29 -33.68 -17.92 -4.89
N GLU C 30 -33.11 -17.13 -3.99
CA GLU C 30 -32.83 -17.55 -2.63
C GLU C 30 -34.00 -17.46 -1.66
N GLY C 31 -35.14 -16.97 -2.14
CA GLY C 31 -36.29 -16.87 -1.25
C GLY C 31 -36.15 -15.80 -0.18
N LEU C 32 -35.49 -14.70 -0.53
CA LEU C 32 -35.33 -13.58 0.37
C LEU C 32 -36.31 -12.51 -0.06
N GLU C 33 -36.79 -11.75 0.91
CA GLU C 33 -37.73 -10.67 0.66
C GLU C 33 -37.13 -9.73 -0.40
N VAL C 34 -37.91 -9.40 -1.42
CA VAL C 34 -37.44 -8.49 -2.47
C VAL C 34 -37.73 -7.07 -1.94
N THR C 35 -36.67 -6.36 -1.58
CA THR C 35 -36.82 -5.03 -1.03
C THR C 35 -36.01 -3.96 -1.76
N ALA C 36 -36.49 -2.71 -1.70
CA ALA C 36 -35.82 -1.60 -2.34
C ALA C 36 -34.49 -1.28 -1.66
N GLU C 37 -34.37 -1.64 -0.39
CA GLU C 37 -33.14 -1.38 0.35
C GLU C 37 -31.97 -2.28 -0.02
N LEU C 38 -32.25 -3.50 -0.48
CA LEU C 38 -31.17 -4.40 -0.86
C LEU C 38 -30.25 -3.76 -1.90
N PRO C 39 -30.81 -3.35 -3.04
CA PRO C 39 -29.96 -2.72 -4.07
C PRO C 39 -29.32 -1.42 -3.64
N GLN C 40 -29.98 -0.69 -2.73
CA GLN C 40 -29.41 0.56 -2.24
C GLN C 40 -28.11 0.33 -1.48
N LYS C 41 -27.88 -0.91 -1.02
CA LYS C 41 -26.65 -1.24 -0.31
C LYS C 41 -25.50 -1.41 -1.31
N PHE C 42 -25.86 -1.53 -2.59
CA PHE C 42 -24.88 -1.72 -3.65
C PHE C 42 -25.01 -0.72 -4.78
N PRO C 43 -24.75 0.57 -4.51
CA PRO C 43 -24.85 1.60 -5.55
C PRO C 43 -23.54 1.63 -6.36
N MET C 44 -23.26 0.55 -7.10
CA MET C 44 -22.03 0.44 -7.88
C MET C 44 -22.19 -0.56 -9.02
N ASN C 45 -21.20 -0.62 -9.92
CA ASN C 45 -21.26 -1.54 -11.06
C ASN C 45 -20.44 -2.81 -10.84
N GLY C 46 -20.35 -3.65 -11.88
CA GLY C 46 -19.61 -4.89 -11.76
C GLY C 46 -18.13 -4.72 -11.43
N LYS C 47 -17.48 -3.71 -12.00
CA LYS C 47 -16.07 -3.46 -11.74
C LYS C 47 -15.83 -3.32 -10.24
N ALA C 48 -16.73 -2.60 -9.58
CA ALA C 48 -16.65 -2.38 -8.14
C ALA C 48 -16.85 -3.69 -7.38
N LEU C 49 -17.80 -4.51 -7.85
CA LEU C 49 -18.09 -5.78 -7.20
C LEU C 49 -16.88 -6.71 -7.21
N CYS C 50 -16.10 -6.65 -8.28
CA CYS C 50 -14.89 -7.48 -8.41
C CYS C 50 -13.91 -7.19 -7.27
N LEU C 51 -13.92 -5.96 -6.80
CA LEU C 51 -13.05 -5.53 -5.72
C LEU C 51 -13.59 -5.89 -4.34
N MET C 52 -14.87 -6.24 -4.25
CA MET C 52 -15.46 -6.57 -2.95
C MET C 52 -15.11 -7.94 -2.38
N SER C 53 -14.66 -7.93 -1.13
CA SER C 53 -14.30 -9.15 -0.43
C SER C 53 -15.59 -9.68 0.19
N LEU C 54 -15.60 -10.95 0.56
CA LEU C 54 -16.78 -11.57 1.16
C LEU C 54 -17.25 -10.71 2.32
N ASP C 55 -16.27 -10.22 3.09
CA ASP C 55 -16.50 -9.38 4.25
C ASP C 55 -17.38 -8.16 3.94
N MET C 56 -17.17 -7.57 2.77
CA MET C 56 -17.93 -6.40 2.38
C MET C 56 -19.36 -6.74 1.98
N TYR C 57 -19.57 -7.97 1.51
CA TYR C 57 -20.90 -8.43 1.15
C TYR C 57 -21.70 -8.68 2.43
N LEU C 58 -21.09 -9.44 3.35
CA LEU C 58 -21.73 -9.77 4.62
C LEU C 58 -22.08 -8.54 5.42
N CYS C 59 -21.25 -7.51 5.30
CA CYS C 59 -21.47 -6.26 6.01
C CYS C 59 -22.78 -5.61 5.57
N ARG C 60 -23.07 -5.73 4.28
CA ARG C 60 -24.27 -5.15 3.70
C ARG C 60 -25.46 -6.10 3.87
N VAL C 61 -25.22 -7.39 3.64
CA VAL C 61 -26.27 -8.39 3.74
C VAL C 61 -25.77 -9.55 4.61
N PRO C 62 -25.92 -9.44 5.95
CA PRO C 62 -25.47 -10.49 6.86
C PRO C 62 -26.21 -11.81 6.65
N VAL C 63 -27.47 -11.71 6.27
CA VAL C 63 -28.29 -12.88 6.00
C VAL C 63 -28.41 -13.12 4.49
N GLY C 64 -27.48 -13.91 3.94
CA GLY C 64 -27.52 -14.20 2.51
C GLY C 64 -26.37 -13.60 1.73
N GLY C 65 -25.60 -12.74 2.36
CA GLY C 65 -24.48 -12.10 1.70
C GLY C 65 -23.46 -13.06 1.08
N LYS C 66 -23.24 -14.22 1.69
CA LYS C 66 -22.26 -15.16 1.14
C LYS C 66 -22.70 -15.76 -0.19
N MET C 67 -24.02 -15.94 -0.36
CA MET C 67 -24.52 -16.50 -1.62
C MET C 67 -24.32 -15.50 -2.75
N LEU C 68 -24.39 -14.21 -2.42
CA LEU C 68 -24.17 -13.16 -3.42
C LEU C 68 -22.71 -13.20 -3.86
N TYR C 69 -21.83 -13.26 -2.86
CA TYR C 69 -20.38 -13.31 -3.12
C TYR C 69 -20.06 -14.53 -3.97
N ARG C 70 -20.56 -15.68 -3.53
CA ARG C 70 -20.33 -16.94 -4.22
C ARG C 70 -20.80 -16.89 -5.66
N ASP C 71 -22.04 -16.43 -5.89
CA ASP C 71 -22.61 -16.35 -7.22
C ASP C 71 -21.83 -15.41 -8.14
N PHE C 72 -21.41 -14.26 -7.63
CA PHE C 72 -20.66 -13.31 -8.44
C PHE C 72 -19.31 -13.91 -8.88
N ARG C 73 -18.64 -14.57 -7.94
CA ARG C 73 -17.35 -15.21 -8.21
C ARG C 73 -17.46 -16.26 -9.32
N VAL C 74 -18.54 -17.05 -9.28
CA VAL C 74 -18.76 -18.08 -10.28
C VAL C 74 -18.90 -17.44 -11.66
N ARG C 75 -19.71 -16.38 -11.72
CA ARG C 75 -19.92 -15.68 -12.97
C ARG C 75 -18.61 -15.09 -13.49
N LEU C 76 -17.84 -14.48 -12.59
CA LEU C 76 -16.57 -13.88 -12.97
C LEU C 76 -15.59 -14.96 -13.44
N ALA C 77 -15.51 -16.05 -12.69
CA ALA C 77 -14.60 -17.14 -13.03
C ALA C 77 -14.80 -17.61 -14.46
N ARG C 78 -16.02 -18.04 -14.80
CA ARG C 78 -16.28 -18.52 -16.15
C ARG C 78 -16.00 -17.45 -17.20
N ALA C 79 -16.23 -16.19 -16.85
CA ALA C 79 -15.98 -15.09 -17.78
C ALA C 79 -14.50 -14.97 -18.10
N MET C 80 -13.65 -15.01 -17.07
CA MET C 80 -12.21 -14.89 -17.29
C MET C 80 -11.68 -15.97 -18.22
N SER C 81 -12.49 -17.00 -18.48
CA SER C 81 -12.09 -18.06 -19.39
C SER C 81 -12.17 -17.62 -20.88
N ARG C 82 -11.61 -16.41 -21.15
CA ARG C 82 -11.56 -15.73 -22.49
C ARG C 82 -10.19 -15.68 -23.22
N LEU D 2 30.28 -13.47 -7.44
CA LEU D 2 29.70 -12.51 -8.41
C LEU D 2 30.36 -11.15 -8.27
N GLY D 3 30.43 -10.39 -9.36
CA GLY D 3 31.00 -9.05 -9.33
C GLY D 3 32.50 -8.85 -9.46
N SER D 4 32.90 -8.08 -10.48
CA SER D 4 34.30 -7.79 -10.72
C SER D 4 34.93 -7.00 -9.58
N ASP D 5 34.14 -6.15 -8.94
CA ASP D 5 34.59 -5.32 -7.83
C ASP D 5 34.57 -6.09 -6.51
N GLY D 6 34.20 -7.35 -6.56
CA GLY D 6 34.14 -8.15 -5.35
C GLY D 6 32.78 -8.11 -4.69
N LEU D 7 31.84 -7.36 -5.27
CA LEU D 7 30.49 -7.27 -4.70
C LEU D 7 29.50 -8.09 -5.49
N PRO D 8 28.50 -8.69 -4.81
CA PRO D 8 27.54 -9.48 -5.58
C PRO D 8 26.89 -8.62 -6.65
N LEU D 9 26.63 -9.22 -7.81
CA LEU D 9 26.01 -8.49 -8.92
C LEU D 9 24.63 -7.92 -8.58
N ASP D 10 23.84 -8.64 -7.77
CA ASP D 10 22.50 -8.19 -7.40
C ASP D 10 22.57 -7.44 -6.06
N PRO D 11 22.37 -6.11 -6.08
CA PRO D 11 22.42 -5.29 -4.86
C PRO D 11 21.49 -5.81 -3.76
N ARG D 12 20.42 -6.49 -4.17
CA ARG D 12 19.46 -7.01 -3.21
C ARG D 12 20.06 -8.04 -2.25
N ASP D 13 21.13 -8.70 -2.68
CA ASP D 13 21.81 -9.68 -1.84
C ASP D 13 22.92 -9.02 -1.03
N TRP D 14 23.13 -7.72 -1.24
CA TRP D 14 24.18 -7.01 -0.51
C TRP D 14 23.97 -6.99 1.01
N THR D 15 25.03 -7.30 1.75
CA THR D 15 24.95 -7.26 3.21
C THR D 15 25.35 -5.83 3.58
N ARG D 16 25.31 -5.49 4.88
CA ARG D 16 25.74 -4.14 5.24
C ARG D 16 27.24 -3.96 4.92
N ALA D 17 28.03 -5.03 5.11
CA ALA D 17 29.46 -4.96 4.81
C ALA D 17 29.65 -4.65 3.32
N ASP D 18 28.82 -5.26 2.48
CA ASP D 18 28.87 -5.00 1.03
C ASP D 18 28.53 -3.54 0.76
N VAL D 19 27.48 -3.03 1.40
CA VAL D 19 27.09 -1.64 1.20
C VAL D 19 28.25 -0.70 1.55
N TRP D 20 28.90 -0.94 2.69
CA TRP D 20 30.02 -0.11 3.11
C TRP D 20 31.14 -0.14 2.13
N LYS D 21 31.37 -1.32 1.58
CA LYS D 21 32.41 -1.44 0.60
C LYS D 21 32.03 -0.71 -0.67
N TRP D 22 30.77 -0.77 -1.07
CA TRP D 22 30.34 -0.06 -2.26
C TRP D 22 30.56 1.43 -2.05
N LEU D 23 30.20 1.92 -0.87
CA LEU D 23 30.36 3.33 -0.53
C LEU D 23 31.83 3.74 -0.64
N ILE D 24 32.73 2.87 -0.20
CA ILE D 24 34.15 3.16 -0.30
C ILE D 24 34.55 3.29 -1.77
N ASN D 25 34.13 2.35 -2.62
CA ASN D 25 34.46 2.44 -4.03
C ASN D 25 33.87 3.71 -4.65
N MET D 26 32.65 4.05 -4.25
CA MET D 26 32.02 5.26 -4.79
C MET D 26 32.84 6.48 -4.38
N ALA D 27 33.32 6.48 -3.13
CA ALA D 27 34.11 7.59 -2.61
C ALA D 27 35.41 7.76 -3.40
N VAL D 28 36.07 6.66 -3.72
CA VAL D 28 37.32 6.73 -4.49
C VAL D 28 37.05 7.05 -5.95
N SER D 29 35.90 6.60 -6.44
CA SER D 29 35.49 6.83 -7.81
C SER D 29 35.33 8.32 -8.09
N GLU D 30 34.74 9.04 -7.14
CA GLU D 30 34.55 10.47 -7.30
C GLU D 30 35.65 11.25 -6.58
N GLY D 31 36.80 10.61 -6.42
CA GLY D 31 37.92 11.23 -5.75
C GLY D 31 37.57 11.89 -4.43
N LEU D 32 36.79 11.19 -3.62
CA LEU D 32 36.38 11.71 -2.32
C LEU D 32 37.27 11.10 -1.24
N GLU D 33 37.39 11.81 -0.11
CA GLU D 33 38.21 11.33 1.00
C GLU D 33 37.61 10.04 1.54
N VAL D 34 38.44 9.01 1.73
CA VAL D 34 37.96 7.75 2.26
C VAL D 34 37.87 7.86 3.78
N THR D 35 36.64 7.97 4.29
CA THR D 35 36.40 8.10 5.73
C THR D 35 35.23 7.21 6.16
N ALA D 36 35.02 7.11 7.47
CA ALA D 36 33.94 6.29 8.01
C ALA D 36 32.62 7.06 8.03
N GLU D 37 32.70 8.31 7.60
CA GLU D 37 31.55 9.20 7.58
C GLU D 37 30.40 8.62 6.77
N LEU D 38 30.69 8.26 5.52
CA LEU D 38 29.72 7.71 4.60
C LEU D 38 29.07 6.41 5.08
N PRO D 39 29.87 5.44 5.53
CA PRO D 39 29.31 4.18 6.02
C PRO D 39 28.40 4.41 7.23
N GLN D 40 28.75 5.38 8.07
CA GLN D 40 27.94 5.66 9.24
C GLN D 40 26.61 6.30 8.84
N LYS D 41 26.58 6.89 7.65
CA LYS D 41 25.37 7.52 7.15
C LYS D 41 24.40 6.47 6.57
N PHE D 42 24.95 5.33 6.15
CA PHE D 42 24.14 4.24 5.58
C PHE D 42 24.44 2.92 6.29
N PRO D 43 24.08 2.79 7.58
CA PRO D 43 24.34 1.54 8.33
C PRO D 43 23.26 0.50 8.09
N MET D 44 23.16 0.03 6.86
CA MET D 44 22.12 -0.93 6.47
C MET D 44 22.58 -1.74 5.27
N ASN D 45 21.81 -2.76 4.91
CA ASN D 45 22.14 -3.63 3.80
C ASN D 45 21.41 -3.24 2.51
N GLY D 46 21.59 -4.04 1.46
CA GLY D 46 20.98 -3.76 0.16
C GLY D 46 19.47 -3.74 0.14
N LYS D 47 18.84 -4.63 0.90
CA LYS D 47 17.39 -4.69 0.97
C LYS D 47 16.89 -3.35 1.50
N ALA D 48 17.59 -2.79 2.47
CA ALA D 48 17.20 -1.49 3.04
C ALA D 48 17.40 -0.39 2.00
N LEU D 49 18.58 -0.36 1.39
CA LEU D 49 18.91 0.64 0.38
C LEU D 49 17.86 0.68 -0.75
N CYS D 50 17.31 -0.48 -1.08
CA CYS D 50 16.29 -0.57 -2.12
C CYS D 50 15.06 0.25 -1.72
N LEU D 51 14.79 0.33 -0.42
CA LEU D 51 13.65 1.08 0.09
C LEU D 51 13.87 2.59 0.17
N MET D 52 15.12 3.04 0.00
CA MET D 52 15.42 4.46 0.09
C MET D 52 15.15 5.24 -1.18
N SER D 53 14.44 6.35 -1.04
CA SER D 53 14.15 7.21 -2.17
C SER D 53 15.34 8.14 -2.36
N LEU D 54 15.42 8.78 -3.52
CA LEU D 54 16.52 9.69 -3.82
C LEU D 54 16.61 10.74 -2.74
N ASP D 55 15.46 11.21 -2.28
CA ASP D 55 15.53 12.23 -1.26
C ASP D 55 16.02 11.65 0.06
N MET D 56 16.07 10.34 0.23
CA MET D 56 16.60 9.89 1.51
C MET D 56 18.12 9.89 1.44
N TYR D 57 18.68 9.76 0.23
CA TYR D 57 20.13 9.79 0.05
C TYR D 57 20.62 11.23 0.20
N LEU D 58 19.93 12.16 -0.46
CA LEU D 58 20.29 13.57 -0.42
C LEU D 58 20.25 14.09 1.01
N CYS D 59 19.41 13.47 1.83
CA CYS D 59 19.28 13.85 3.23
C CYS D 59 20.59 13.58 3.96
N ARG D 60 21.23 12.47 3.60
CA ARG D 60 22.49 12.05 4.20
C ARG D 60 23.70 12.66 3.50
N VAL D 61 23.61 12.80 2.18
CA VAL D 61 24.68 13.36 1.38
C VAL D 61 24.10 14.41 0.42
N PRO D 62 23.93 15.65 0.90
CA PRO D 62 23.38 16.72 0.07
C PRO D 62 23.96 16.91 -1.33
N VAL D 63 25.11 16.30 -1.57
CA VAL D 63 25.82 16.37 -2.85
C VAL D 63 25.53 15.18 -3.73
N GLY D 64 26.55 14.32 -3.63
CA GLY D 64 26.68 13.04 -4.31
C GLY D 64 25.52 12.17 -3.99
N GLY D 65 24.62 12.67 -3.16
CA GLY D 65 23.43 11.90 -2.87
C GLY D 65 22.96 11.39 -4.22
N LYS D 66 22.89 12.28 -5.22
CA LYS D 66 22.43 11.89 -6.55
C LYS D 66 23.27 10.80 -7.22
N MET D 67 24.59 10.91 -7.10
CA MET D 67 25.48 9.92 -7.69
C MET D 67 25.38 8.56 -7.01
N LEU D 68 25.13 8.54 -5.70
CA LEU D 68 25.01 7.27 -4.97
C LEU D 68 23.70 6.61 -5.36
N TYR D 69 22.62 7.39 -5.36
CA TYR D 69 21.31 6.85 -5.74
C TYR D 69 21.37 6.29 -7.16
N ARG D 70 21.95 7.06 -8.09
CA ARG D 70 22.05 6.65 -9.48
C ARG D 70 22.81 5.35 -9.64
N ASP D 71 23.99 5.26 -9.06
CA ASP D 71 24.78 4.04 -9.18
C ASP D 71 24.08 2.83 -8.58
N PHE D 72 23.39 3.00 -7.46
CA PHE D 72 22.69 1.88 -6.84
C PHE D 72 21.54 1.42 -7.73
N ARG D 73 20.76 2.38 -8.24
CA ARG D 73 19.63 2.06 -9.11
C ARG D 73 20.06 1.37 -10.41
N VAL D 74 21.19 1.82 -10.96
CA VAL D 74 21.69 1.22 -12.19
C VAL D 74 22.01 -0.25 -11.95
N ARG D 75 22.66 -0.56 -10.83
CA ARG D 75 23.00 -1.94 -10.49
C ARG D 75 21.73 -2.77 -10.27
N LEU D 76 20.76 -2.16 -9.59
CA LEU D 76 19.50 -2.85 -9.33
C LEU D 76 18.81 -3.19 -10.65
N ALA D 77 18.69 -2.20 -11.54
CA ALA D 77 18.04 -2.42 -12.83
C ALA D 77 18.76 -3.48 -13.65
N ARG D 78 20.09 -3.44 -13.65
CA ARG D 78 20.85 -4.44 -14.39
C ARG D 78 20.56 -5.85 -13.86
N ALA D 79 20.42 -5.97 -12.55
CA ALA D 79 20.14 -7.26 -11.91
C ALA D 79 18.70 -7.71 -12.19
N MET D 80 17.78 -6.75 -12.21
CA MET D 80 16.36 -7.03 -12.45
C MET D 80 16.17 -7.76 -13.78
N SER D 81 17.12 -7.61 -14.69
CA SER D 81 17.05 -8.28 -15.98
C SER D 81 17.30 -9.77 -15.77
N ARG D 82 16.23 -10.49 -15.44
CA ARG D 82 16.29 -11.94 -15.20
C ARG D 82 17.02 -12.29 -13.91
#